data_8QLU
#
_entry.id   8QLU
#
_cell.length_a   58.360
_cell.length_b   58.360
_cell.length_c   190.050
_cell.angle_alpha   90.000
_cell.angle_beta   90.000
_cell.angle_gamma   120.000
#
_symmetry.space_group_name_H-M   'P 65 2 2'
#
loop_
_entity.id
_entity.type
_entity.pdbx_description
1 polymer 'Woronin body major protein hexA'
2 water water
#
_entity_poly.entity_id   1
_entity_poly.type   'polypeptide(L)'
_entity_poly.pdbx_seq_one_letter_code
;MGYYDDDGNYHSFRRGVERAVDRITHPFHHHHHHHDREEVVIADERGPVRYRDGVREDVRIVEPRASKTTAESVPIPCHF
IRIGDILILQGRPCQVIRISVSPQTGQHRYLGVDLFTRQLQEESSFVSNPSPSVVVQTMLGPVYKTYRILDLHEDGTITA
MTETGDVKQALPVVTQGQLFRKIRDAFSEGRGSVRALVINDGGRELVVDYKVIHGSRL
;
_entity_poly.pdbx_strand_id   A
#
# COMPACT_ATOMS: atom_id res chain seq x y z
N GLU A 72 -4.74 0.80 -11.35
CA GLU A 72 -3.98 1.38 -10.25
C GLU A 72 -4.44 0.83 -8.91
N SER A 73 -5.55 0.08 -8.93
CA SER A 73 -6.11 -0.51 -7.73
C SER A 73 -6.69 -1.87 -8.05
N VAL A 74 -6.92 -2.66 -7.00
CA VAL A 74 -7.45 -4.01 -7.15
C VAL A 74 -8.42 -4.30 -6.02
N PRO A 75 -9.58 -4.90 -6.29
CA PRO A 75 -10.52 -5.23 -5.21
C PRO A 75 -10.08 -6.46 -4.43
N ILE A 76 -10.23 -6.38 -3.10
CA ILE A 76 -9.84 -7.45 -2.20
C ILE A 76 -11.01 -7.78 -1.28
N PRO A 77 -11.39 -9.04 -1.14
CA PRO A 77 -12.46 -9.38 -0.19
C PRO A 77 -12.08 -8.97 1.23
N CYS A 78 -13.06 -8.44 1.95
CA CYS A 78 -12.79 -7.83 3.25
C CYS A 78 -12.24 -8.82 4.25
N HIS A 79 -12.67 -10.08 4.18
CA HIS A 79 -12.21 -11.06 5.17
C HIS A 79 -10.74 -11.42 5.02
N PHE A 80 -10.09 -10.98 3.94
CA PHE A 80 -8.65 -11.15 3.77
C PHE A 80 -7.84 -9.98 4.31
N ILE A 81 -8.48 -8.84 4.58
CA ILE A 81 -7.79 -7.63 5.00
C ILE A 81 -7.57 -7.67 6.50
N ARG A 82 -6.38 -7.26 6.94
CA ARG A 82 -6.03 -7.24 8.35
C ARG A 82 -5.34 -5.93 8.68
N ILE A 83 -5.22 -5.66 9.98
CA ILE A 83 -4.56 -4.45 10.45
C ILE A 83 -3.12 -4.44 9.97
N GLY A 84 -2.69 -3.30 9.43
CA GLY A 84 -1.38 -3.15 8.85
C GLY A 84 -1.35 -3.22 7.34
N ASP A 85 -2.40 -3.76 6.72
CA ASP A 85 -2.47 -3.80 5.27
C ASP A 85 -2.68 -2.40 4.71
N ILE A 86 -2.20 -2.19 3.49
CA ILE A 86 -2.35 -0.92 2.80
C ILE A 86 -3.59 -0.99 1.92
N LEU A 87 -4.48 -0.02 2.08
CA LEU A 87 -5.70 0.08 1.28
C LEU A 87 -5.81 1.48 0.72
N ILE A 88 -6.67 1.61 -0.30
CA ILE A 88 -6.99 2.92 -0.88
C ILE A 88 -8.24 3.41 -0.15
N LEU A 89 -8.05 4.34 0.78
CA LEU A 89 -9.15 4.93 1.55
C LEU A 89 -9.38 6.35 1.05
N GLN A 90 -10.61 6.62 0.57
CA GLN A 90 -10.98 7.92 0.04
C GLN A 90 -10.01 8.37 -1.05
N GLY A 91 -9.57 7.40 -1.87
CA GLY A 91 -8.64 7.68 -2.94
C GLY A 91 -7.20 7.84 -2.53
N ARG A 92 -6.86 7.53 -1.28
CA ARG A 92 -5.50 7.70 -0.79
C ARG A 92 -4.97 6.39 -0.22
N PRO A 93 -3.72 6.03 -0.52
CA PRO A 93 -3.13 4.84 0.10
C PRO A 93 -2.96 5.05 1.60
N CYS A 94 -3.52 4.14 2.39
CA CYS A 94 -3.48 4.26 3.84
C CYS A 94 -3.14 2.92 4.47
N GLN A 95 -2.43 2.97 5.58
CA GLN A 95 -2.16 1.79 6.39
C GLN A 95 -3.29 1.64 7.41
N VAL A 96 -3.96 0.49 7.38
CA VAL A 96 -5.12 0.27 8.24
C VAL A 96 -4.67 0.14 9.69
N ILE A 97 -5.36 0.82 10.59
CA ILE A 97 -5.08 0.73 12.02
C ILE A 97 -6.28 0.25 12.84
N ARG A 98 -7.48 0.20 12.25
CA ARG A 98 -8.65 -0.30 12.97
CA ARG A 98 -8.65 -0.29 12.97
C ARG A 98 -9.67 -0.79 11.95
N ILE A 99 -10.31 -1.91 12.27
CA ILE A 99 -11.36 -2.50 11.45
C ILE A 99 -12.58 -2.72 12.34
N SER A 100 -13.75 -2.31 11.87
CA SER A 100 -15.00 -2.51 12.60
C SER A 100 -16.10 -2.86 11.61
N VAL A 101 -17.25 -3.22 12.15
CA VAL A 101 -18.41 -3.61 11.35
C VAL A 101 -19.57 -2.69 11.69
N SER A 102 -20.29 -2.24 10.67
CA SER A 102 -21.45 -1.40 10.87
C SER A 102 -22.63 -2.26 11.32
N PRO A 103 -23.19 -2.03 12.52
CA PRO A 103 -24.37 -2.80 12.93
C PRO A 103 -25.61 -2.49 12.13
N GLN A 104 -25.63 -1.41 11.36
CA GLN A 104 -26.79 -1.04 10.57
C GLN A 104 -26.81 -1.73 9.21
N THR A 105 -25.66 -1.80 8.54
CA THR A 105 -25.59 -2.34 7.18
C THR A 105 -24.76 -3.62 7.06
N GLY A 106 -23.92 -3.94 8.05
CA GLY A 106 -23.01 -5.05 7.92
C GLY A 106 -21.74 -4.74 7.16
N GLN A 107 -21.59 -3.52 6.65
CA GLN A 107 -20.36 -3.12 5.99
C GLN A 107 -19.20 -3.07 6.97
N HIS A 108 -18.00 -3.34 6.47
CA HIS A 108 -16.79 -3.19 7.26
C HIS A 108 -16.26 -1.76 7.13
N ARG A 109 -15.74 -1.24 8.23
CA ARG A 109 -15.24 0.12 8.31
C ARG A 109 -13.74 0.08 8.58
N TYR A 110 -12.98 0.85 7.80
CA TYR A 110 -11.53 0.81 7.86
C TYR A 110 -11.01 2.22 8.17
N LEU A 111 -10.30 2.35 9.29
CA LEU A 111 -9.60 3.57 9.64
C LEU A 111 -8.12 3.39 9.34
N GLY A 112 -7.55 4.35 8.60
CA GLY A 112 -6.18 4.22 8.15
C GLY A 112 -5.45 5.54 8.18
N VAL A 113 -4.12 5.44 8.12
CA VAL A 113 -3.23 6.59 8.13
C VAL A 113 -2.69 6.79 6.73
N ASP A 114 -2.91 7.99 6.18
CA ASP A 114 -2.40 8.33 4.86
C ASP A 114 -0.88 8.21 4.84
N LEU A 115 -0.36 7.41 3.90
CA LEU A 115 1.07 7.17 3.84
C LEU A 115 1.86 8.40 3.44
N PHE A 116 1.20 9.42 2.87
CA PHE A 116 1.86 10.64 2.43
C PHE A 116 1.68 11.80 3.41
N THR A 117 0.45 12.06 3.82
CA THR A 117 0.14 13.21 4.66
C THR A 117 -0.02 12.87 6.14
N ARG A 118 -0.05 11.59 6.50
CA ARG A 118 -0.22 11.13 7.86
C ARG A 118 -1.59 11.50 8.45
N GLN A 119 -2.53 11.89 7.60
CA GLN A 119 -3.88 12.18 8.05
C GLN A 119 -4.71 10.90 8.11
N LEU A 120 -5.71 10.91 8.99
CA LEU A 120 -6.57 9.75 9.17
C LEU A 120 -7.74 9.80 8.19
N GLN A 121 -8.05 8.64 7.61
CA GLN A 121 -9.15 8.50 6.66
C GLN A 121 -9.95 7.26 7.00
N GLU A 122 -11.26 7.31 6.74
CA GLU A 122 -12.13 6.16 6.95
C GLU A 122 -12.95 5.92 5.70
N GLU A 123 -13.21 4.65 5.41
CA GLU A 123 -14.03 4.25 4.27
C GLU A 123 -14.73 2.94 4.59
N SER A 124 -15.98 2.83 4.17
CA SER A 124 -16.76 1.62 4.36
C SER A 124 -16.70 0.75 3.11
N SER A 125 -16.93 -0.55 3.31
CA SER A 125 -16.75 -1.52 2.24
C SER A 125 -17.86 -1.43 1.20
N PHE A 126 -17.57 -1.97 0.02
CA PHE A 126 -18.49 -1.98 -1.11
C PHE A 126 -19.12 -3.36 -1.25
N VAL A 127 -20.44 -3.42 -1.13
CA VAL A 127 -21.16 -4.68 -1.24
C VAL A 127 -21.57 -4.90 -2.69
N SER A 128 -21.45 -6.15 -3.14
CA SER A 128 -21.86 -6.53 -4.49
C SER A 128 -22.54 -7.89 -4.45
N ASN A 129 -23.42 -8.13 -5.41
CA ASN A 129 -24.15 -9.38 -5.54
C ASN A 129 -24.00 -9.89 -6.96
N PRO A 130 -22.82 -10.40 -7.31
CA PRO A 130 -22.56 -10.75 -8.72
C PRO A 130 -23.34 -11.97 -9.19
N SER A 131 -23.43 -13.00 -8.38
CA SER A 131 -24.12 -14.24 -8.72
C SER A 131 -25.16 -14.56 -7.66
N PRO A 132 -26.16 -15.38 -8.00
CA PRO A 132 -27.14 -15.81 -6.99
C PRO A 132 -26.46 -16.41 -5.77
N SER A 133 -26.85 -15.92 -4.59
CA SER A 133 -26.35 -16.34 -3.28
C SER A 133 -24.91 -15.94 -3.04
N VAL A 134 -24.30 -15.17 -3.93
CA VAL A 134 -22.92 -14.70 -3.77
C VAL A 134 -22.97 -13.22 -3.47
N VAL A 135 -22.68 -12.85 -2.22
CA VAL A 135 -22.54 -11.45 -1.82
C VAL A 135 -21.12 -11.24 -1.33
N VAL A 136 -20.46 -10.20 -1.85
CA VAL A 136 -19.04 -9.99 -1.61
C VAL A 136 -18.83 -8.57 -1.09
N GLN A 137 -17.99 -8.45 -0.05
CA GLN A 137 -17.56 -7.17 0.48
CA GLN A 137 -17.56 -7.17 0.48
C GLN A 137 -16.11 -6.95 0.10
N THR A 138 -15.84 -5.86 -0.59
CA THR A 138 -14.49 -5.60 -1.09
C THR A 138 -14.01 -4.20 -0.68
N MET A 139 -12.70 -4.08 -0.62
CA MET A 139 -12.02 -2.80 -0.54
C MET A 139 -10.99 -2.74 -1.67
N LEU A 140 -10.53 -1.53 -1.96
CA LEU A 140 -9.55 -1.33 -3.02
C LEU A 140 -8.14 -1.30 -2.43
N GLY A 141 -7.26 -2.13 -2.98
CA GLY A 141 -5.88 -2.14 -2.59
C GLY A 141 -4.99 -1.67 -3.73
N PRO A 142 -3.84 -1.10 -3.42
CA PRO A 142 -2.96 -0.57 -4.46
C PRO A 142 -2.22 -1.66 -5.21
N VAL A 143 -1.90 -1.36 -6.47
CA VAL A 143 -1.06 -2.25 -7.27
C VAL A 143 0.40 -1.95 -6.96
N TYR A 144 1.16 -2.99 -6.63
CA TYR A 144 2.55 -2.84 -6.23
C TYR A 144 3.45 -3.05 -7.43
N LYS A 145 4.40 -2.14 -7.63
CA LYS A 145 5.44 -2.28 -8.65
C LYS A 145 6.76 -2.60 -7.96
N THR A 146 7.53 -3.51 -8.56
CA THR A 146 8.85 -3.86 -8.06
C THR A 146 9.90 -3.25 -8.97
N TYR A 147 10.78 -2.44 -8.38
CA TYR A 147 11.89 -1.82 -9.09
C TYR A 147 13.19 -2.40 -8.56
N ARG A 148 14.18 -2.56 -9.44
CA ARG A 148 15.52 -2.93 -9.01
C ARG A 148 16.20 -1.74 -8.36
N ILE A 149 16.72 -1.92 -7.16
CA ILE A 149 17.38 -0.84 -6.43
C ILE A 149 18.81 -0.72 -6.91
N LEU A 150 19.19 0.47 -7.37
CA LEU A 150 20.53 0.71 -7.90
C LEU A 150 21.44 1.46 -6.93
N ASP A 151 20.88 2.32 -6.08
CA ASP A 151 21.68 3.14 -5.17
C ASP A 151 20.76 3.75 -4.13
N LEU A 152 21.36 4.12 -3.00
CA LEU A 152 20.67 4.90 -1.98
C LEU A 152 21.46 6.17 -1.68
N HIS A 153 20.76 7.15 -1.11
CA HIS A 153 21.35 8.44 -0.80
C HIS A 153 21.12 8.76 0.67
N GLU A 154 21.89 9.72 1.17
CA GLU A 154 21.85 10.09 2.58
C GLU A 154 20.63 10.93 2.94
N ASP A 155 19.76 11.26 1.98
CA ASP A 155 18.59 12.07 2.23
C ASP A 155 17.31 11.26 2.36
N GLY A 156 17.41 9.93 2.34
CA GLY A 156 16.25 9.08 2.47
C GLY A 156 15.70 8.55 1.16
N THR A 157 16.29 8.90 0.03
CA THR A 157 15.81 8.47 -1.27
C THR A 157 16.68 7.35 -1.83
N ILE A 158 16.17 6.68 -2.86
CA ILE A 158 16.88 5.60 -3.53
C ILE A 158 16.80 5.82 -5.04
N THR A 159 17.78 5.27 -5.75
CA THR A 159 17.76 5.21 -7.20
C THR A 159 17.30 3.82 -7.62
N ALA A 160 16.24 3.76 -8.42
CA ALA A 160 15.64 2.50 -8.83
C ALA A 160 15.42 2.50 -10.34
N MET A 161 15.20 1.30 -10.88
CA MET A 161 14.99 1.10 -12.31
C MET A 161 13.78 0.20 -12.52
N THR A 162 12.90 0.60 -13.44
CA THR A 162 11.72 -0.18 -13.73
C THR A 162 12.10 -1.43 -14.55
N GLU A 163 11.08 -2.26 -14.80
CA GLU A 163 11.31 -3.47 -15.59
C GLU A 163 11.76 -3.15 -17.01
N THR A 164 11.28 -2.03 -17.57
CA THR A 164 11.63 -1.64 -18.92
C THR A 164 12.93 -0.87 -19.03
N GLY A 165 13.53 -0.47 -17.91
CA GLY A 165 14.78 0.26 -17.91
C GLY A 165 14.66 1.72 -17.54
N ASP A 166 13.47 2.20 -17.17
CA ASP A 166 13.31 3.59 -16.77
C ASP A 166 13.95 3.81 -15.41
N VAL A 167 14.85 4.79 -15.34
CA VAL A 167 15.60 5.07 -14.11
C VAL A 167 14.87 6.14 -13.32
N LYS A 168 14.50 5.81 -12.08
CA LYS A 168 13.96 6.77 -11.14
C LYS A 168 15.08 7.18 -10.19
N GLN A 169 15.51 8.44 -10.27
CA GLN A 169 16.75 8.84 -9.63
C GLN A 169 16.59 8.98 -8.12
N ALA A 170 15.47 9.55 -7.64
CA ALA A 170 15.30 9.82 -6.21
C ALA A 170 13.87 9.44 -5.80
N LEU A 171 13.67 8.16 -5.51
CA LEU A 171 12.39 7.67 -5.02
C LEU A 171 12.30 7.81 -3.51
N PRO A 172 11.29 8.47 -2.97
CA PRO A 172 11.17 8.57 -1.51
C PRO A 172 10.78 7.23 -0.89
N VAL A 173 11.14 7.06 0.37
CA VAL A 173 10.89 5.85 1.12
C VAL A 173 10.11 6.20 2.38
N VAL A 174 9.10 5.39 2.70
CA VAL A 174 8.33 5.61 3.92
C VAL A 174 9.21 5.36 5.14
N THR A 175 8.94 6.09 6.22
CA THR A 175 9.59 5.86 7.49
C THR A 175 8.93 4.76 8.31
N GLN A 176 7.93 4.09 7.74
CA GLN A 176 7.21 3.05 8.46
C GLN A 176 8.12 1.84 8.69
N GLY A 177 8.26 1.44 9.95
CA GLY A 177 9.05 0.28 10.30
C GLY A 177 10.51 0.40 9.96
N GLN A 178 11.04 1.62 9.88
CA GLN A 178 12.43 1.88 9.52
C GLN A 178 12.80 1.16 8.22
N LEU A 179 12.02 1.46 7.18
CA LEU A 179 12.18 0.74 5.91
C LEU A 179 13.53 1.02 5.27
N PHE A 180 14.01 2.27 5.35
CA PHE A 180 15.28 2.61 4.73
C PHE A 180 16.43 1.86 5.38
N ARG A 181 16.44 1.77 6.71
CA ARG A 181 17.51 1.06 7.40
C ARG A 181 17.55 -0.41 7.00
N LYS A 182 16.38 -1.02 6.82
CA LYS A 182 16.34 -2.41 6.38
C LYS A 182 16.80 -2.55 4.93
N ILE A 183 16.42 -1.58 4.08
CA ILE A 183 16.90 -1.60 2.70
C ILE A 183 18.41 -1.39 2.65
N ARG A 184 18.93 -0.49 3.48
CA ARG A 184 20.37 -0.24 3.52
C ARG A 184 21.12 -1.49 3.97
N ASP A 185 20.59 -2.20 4.98
CA ASP A 185 21.24 -3.41 5.44
C ASP A 185 21.20 -4.51 4.38
N ALA A 186 20.10 -4.59 3.63
CA ALA A 186 19.96 -5.62 2.61
C ALA A 186 20.78 -5.29 1.36
N PHE A 187 20.94 -4.00 1.04
CA PHE A 187 21.72 -3.63 -0.14
C PHE A 187 23.18 -4.01 0.03
N SER A 188 23.76 -3.69 1.18
CA SER A 188 25.16 -4.01 1.46
C SER A 188 25.33 -5.49 1.79
N SER A 193 21.02 -7.80 -3.98
CA SER A 193 19.92 -7.72 -4.94
C SER A 193 18.59 -7.47 -4.23
N VAL A 194 18.31 -6.20 -3.94
CA VAL A 194 17.09 -5.79 -3.25
C VAL A 194 16.13 -5.18 -4.26
N ARG A 195 14.85 -5.48 -4.09
CA ARG A 195 13.79 -4.91 -4.91
C ARG A 195 12.92 -3.99 -4.08
N ALA A 196 12.55 -2.84 -4.64
CA ALA A 196 11.68 -1.89 -3.97
C ALA A 196 10.24 -2.10 -4.42
N LEU A 197 9.33 -2.14 -3.46
CA LEU A 197 7.90 -2.22 -3.74
C LEU A 197 7.32 -0.81 -3.68
N VAL A 198 6.82 -0.33 -4.81
CA VAL A 198 6.48 1.07 -4.99
C VAL A 198 4.98 1.22 -5.21
N ILE A 199 4.41 2.26 -4.61
CA ILE A 199 3.00 2.61 -4.76
C ILE A 199 2.92 3.95 -5.47
N ASN A 200 1.92 4.09 -6.35
CA ASN A 200 1.65 5.34 -7.04
C ASN A 200 0.42 5.98 -6.42
N ASP A 201 0.53 7.27 -6.08
CA ASP A 201 -0.64 8.03 -5.63
C ASP A 201 -0.53 9.47 -6.16
N GLY A 203 0.46 10.28 -9.25
CA GLY A 203 1.70 10.57 -9.94
C GLY A 203 2.93 10.42 -9.08
N ARG A 204 2.79 10.68 -7.79
CA ARG A 204 3.91 10.60 -6.85
C ARG A 204 4.14 9.14 -6.46
N GLU A 205 5.34 8.65 -6.73
CA GLU A 205 5.70 7.28 -6.38
C GLU A 205 6.33 7.22 -5.00
N LEU A 206 6.17 6.08 -4.33
CA LEU A 206 6.58 5.95 -2.94
C LEU A 206 7.00 4.50 -2.67
N VAL A 207 8.20 4.33 -2.13
CA VAL A 207 8.68 3.02 -1.72
C VAL A 207 8.06 2.68 -0.37
N VAL A 208 7.23 1.63 -0.35
CA VAL A 208 6.51 1.25 0.85
C VAL A 208 6.90 -0.13 1.38
N ASP A 209 7.72 -0.88 0.65
CA ASP A 209 8.17 -2.19 1.10
C ASP A 209 9.37 -2.60 0.25
N TYR A 210 9.98 -3.72 0.61
CA TYR A 210 11.14 -4.20 -0.13
C TYR A 210 11.11 -5.73 -0.16
N LYS A 211 11.83 -6.28 -1.13
CA LYS A 211 11.90 -7.72 -1.32
C LYS A 211 13.32 -8.09 -1.74
N VAL A 212 13.90 -9.06 -1.03
CA VAL A 212 15.20 -9.60 -1.38
C VAL A 212 14.97 -10.89 -2.16
N ILE A 213 15.18 -10.81 -3.47
CA ILE A 213 14.94 -11.93 -4.37
#